data_3ZOE
#
_entry.id   3ZOE
#
_cell.length_a   64.660
_cell.length_b   74.910
_cell.length_c   77.590
_cell.angle_alpha   90.00
_cell.angle_beta   90.00
_cell.angle_gamma   90.00
#
_symmetry.space_group_name_H-M   'P 21 21 21'
#
loop_
_entity.id
_entity.type
_entity.pdbx_description
1 polymer FLAVOREDOXIN
2 non-polymer P-HYDROXYBENZALDEHYDE
3 non-polymer 'FLAVIN MONONUCLEOTIDE'
4 water water
#
_entity_poly.entity_id   1
_entity_poly.type   'polypeptide(L)'
_entity_poly.pdbx_seq_one_letter_code
;MRSYRAQGPLPGFYHYYPGVPAVVGVRVEERVNFCPAVWNTGLSADPPLFGVSISPKRFTHGLLLKARRFSASFHPFGQK
DLVHWLGSHSGREVDKGQAPHFLGHTGVPILEGAYAAYELELLEVHTFGDHDLFVGRVVAVWEEEGLLDEKGRPKPGLAL
LYYGKGLYGRPAEETFAP
;
_entity_poly.pdbx_strand_id   A,B
#
loop_
_chem_comp.id
_chem_comp.type
_chem_comp.name
_chem_comp.formula
FMN non-polymer 'FLAVIN MONONUCLEOTIDE' 'C17 H21 N4 O9 P'
HBA non-polymer P-HYDROXYBENZALDEHYDE 'C7 H6 O2'
#
# COMPACT_ATOMS: atom_id res chain seq x y z
N MET A 1 22.92 3.37 11.89
CA MET A 1 21.53 2.85 11.74
C MET A 1 21.46 1.56 12.52
N ARG A 2 20.53 1.48 13.49
CA ARG A 2 20.29 0.22 14.23
C ARG A 2 19.76 -0.90 13.32
N SER A 3 20.12 -2.13 13.61
CA SER A 3 19.51 -3.28 12.95
C SER A 3 19.29 -4.43 13.89
N TYR A 4 18.33 -5.28 13.59
CA TYR A 4 18.21 -6.55 14.27
C TYR A 4 17.65 -7.61 13.33
N ARG A 5 17.93 -8.89 13.62
CA ARG A 5 17.31 -9.98 12.92
C ARG A 5 15.95 -10.24 13.51
N ALA A 6 15.02 -10.61 12.65
CA ALA A 6 13.65 -10.93 13.07
C ALA A 6 13.61 -12.26 13.76
N GLN A 7 12.88 -12.31 14.88
CA GLN A 7 12.79 -13.52 15.73
C GLN A 7 11.34 -13.92 15.97
N GLY A 8 10.45 -13.38 15.14
CA GLY A 8 9.04 -13.49 15.33
C GLY A 8 8.35 -12.24 14.82
N PRO A 9 7.15 -11.95 15.34
CA PRO A 9 6.55 -10.70 14.93
C PRO A 9 7.33 -9.50 15.40
N LEU A 10 7.35 -8.44 14.57
CA LEU A 10 8.16 -7.25 14.87
C LEU A 10 7.51 -6.44 15.99
N PRO A 11 8.32 -5.74 16.80
CA PRO A 11 7.86 -4.87 17.90
C PRO A 11 6.84 -3.84 17.43
N GLY A 12 7.07 -3.31 16.24
CA GLY A 12 6.04 -2.59 15.52
C GLY A 12 6.28 -2.90 14.06
N PHE A 13 5.21 -3.01 13.27
CA PHE A 13 5.34 -3.24 11.84
C PHE A 13 4.77 -2.02 11.10
N TYR A 14 5.35 -0.84 11.35
CA TYR A 14 4.86 0.40 10.78
C TYR A 14 5.85 1.19 9.91
N HIS A 15 6.97 0.58 9.58
CA HIS A 15 8.11 1.29 8.92
C HIS A 15 7.71 1.84 7.56
N TYR A 16 6.72 1.19 6.93
CA TYR A 16 6.27 1.56 5.59
C TYR A 16 5.00 2.46 5.59
N TYR A 17 4.58 2.89 6.78
CA TYR A 17 3.45 3.77 6.93
C TYR A 17 3.93 5.20 6.75
N PRO A 18 3.00 6.12 6.52
CA PRO A 18 1.55 5.98 6.49
C PRO A 18 1.09 5.46 5.16
N GLY A 19 -0.18 5.08 5.11
CA GLY A 19 -0.85 4.79 3.86
C GLY A 19 -2.32 5.19 3.92
N VAL A 20 -2.97 5.16 2.75
CA VAL A 20 -4.35 5.42 2.65
C VAL A 20 -5.11 4.15 3.06
N PRO A 21 -6.05 4.28 4.01
CA PRO A 21 -6.90 3.17 4.34
C PRO A 21 -8.05 3.10 3.35
N ALA A 22 -8.20 1.96 2.73
CA ALA A 22 -9.33 1.71 1.88
C ALA A 22 -10.45 1.29 2.78
N VAL A 23 -11.60 1.96 2.70
CA VAL A 23 -12.83 1.39 3.26
C VAL A 23 -13.49 0.30 2.38
N VAL A 24 -13.56 -0.89 2.96
CA VAL A 24 -13.97 -2.09 2.22
C VAL A 24 -15.45 -2.30 2.58
N GLY A 25 -16.33 -2.16 1.60
CA GLY A 25 -17.80 -2.21 1.80
C GLY A 25 -18.24 -3.55 1.23
N VAL A 26 -18.99 -4.31 2.03
CA VAL A 26 -19.53 -5.62 1.59
C VAL A 26 -21.02 -5.77 2.00
N ARG A 27 -21.78 -6.46 1.15
CA ARG A 27 -23.23 -6.69 1.38
C ARG A 27 -23.54 -8.16 1.13
N VAL A 28 -24.22 -8.82 2.08
CA VAL A 28 -24.69 -10.22 1.88
C VAL A 28 -26.15 -10.12 2.28
N GLU A 29 -27.01 -10.28 1.26
CA GLU A 29 -28.46 -10.07 1.31
C GLU A 29 -28.78 -8.68 1.81
N GLU A 30 -29.26 -8.61 3.05
CA GLU A 30 -29.72 -7.37 3.66
C GLU A 30 -28.63 -6.72 4.53
N ARG A 31 -27.59 -7.47 4.82
CA ARG A 31 -26.61 -6.98 5.77
C ARG A 31 -25.42 -6.33 5.05
N VAL A 32 -25.09 -5.14 5.53
CA VAL A 32 -24.01 -4.29 5.01
C VAL A 32 -22.99 -4.01 6.12
N ASN A 33 -21.73 -4.17 5.73
CA ASN A 33 -20.61 -4.01 6.64
C ASN A 33 -19.53 -3.18 6.00
N PHE A 34 -18.73 -2.52 6.85
CA PHE A 34 -17.63 -1.66 6.42
C PHE A 34 -16.45 -1.94 7.32
N CYS A 35 -15.28 -1.95 6.71
CA CYS A 35 -14.05 -2.29 7.38
C CYS A 35 -12.88 -1.52 6.72
N PRO A 36 -12.17 -0.63 7.45
CA PRO A 36 -10.94 -0.04 6.86
C PRO A 36 -9.82 -1.06 6.65
N ALA A 37 -9.09 -0.93 5.57
CA ALA A 37 -7.91 -1.76 5.32
C ALA A 37 -6.75 -0.91 4.85
N VAL A 38 -5.77 -0.68 5.74
CA VAL A 38 -4.59 0.04 5.31
C VAL A 38 -3.58 -0.84 4.55
N TRP A 39 -3.72 -2.16 4.65
CA TRP A 39 -2.92 -3.03 3.80
C TRP A 39 -3.69 -3.18 2.49
N ASN A 40 -3.47 -2.23 1.57
CA ASN A 40 -4.08 -2.25 0.31
C ASN A 40 -3.04 -1.81 -0.70
N THR A 41 -3.30 -2.08 -1.97
CA THR A 41 -2.37 -1.68 -3.05
C THR A 41 -2.93 -2.01 -4.39
N GLY A 42 -2.56 -1.20 -5.38
CA GLY A 42 -2.78 -1.58 -6.77
C GLY A 42 -2.04 -2.89 -7.07
N LEU A 43 -2.57 -3.70 -7.96
CA LEU A 43 -1.85 -4.90 -8.38
C LEU A 43 -1.72 -5.10 -9.89
N SER A 44 -2.48 -4.36 -10.71
CA SER A 44 -2.35 -4.45 -12.16
C SER A 44 -3.05 -3.24 -12.72
N ALA A 45 -2.49 -2.67 -13.77
CA ALA A 45 -3.22 -1.60 -14.50
C ALA A 45 -4.18 -2.18 -15.55
N ASP A 46 -3.68 -3.08 -16.39
CA ASP A 46 -4.44 -3.59 -17.51
C ASP A 46 -4.41 -5.08 -17.40
N PRO A 47 -5.49 -5.70 -16.89
CA PRO A 47 -6.70 -5.09 -16.34
C PRO A 47 -6.46 -4.53 -14.95
N PRO A 48 -7.38 -3.64 -14.55
CA PRO A 48 -7.26 -2.96 -13.31
C PRO A 48 -7.64 -3.87 -12.14
N LEU A 49 -6.63 -4.13 -11.32
CA LEU A 49 -6.81 -4.98 -10.14
C LEU A 49 -6.33 -4.27 -8.87
N PHE A 50 -7.06 -4.48 -7.80
CA PHE A 50 -6.80 -3.83 -6.56
C PHE A 50 -7.00 -4.83 -5.44
N GLY A 51 -6.07 -4.81 -4.50
CA GLY A 51 -6.02 -5.80 -3.47
C GLY A 51 -6.16 -5.24 -2.08
N VAL A 52 -6.87 -5.98 -1.24
CA VAL A 52 -6.97 -5.66 0.17
C VAL A 52 -6.65 -6.89 1.01
N SER A 53 -5.88 -6.67 2.08
CA SER A 53 -5.41 -7.77 2.88
C SER A 53 -6.17 -7.76 4.20
N ILE A 54 -6.86 -8.85 4.49
CA ILE A 54 -7.93 -8.89 5.51
C ILE A 54 -7.75 -10.10 6.39
N SER A 55 -7.61 -9.88 7.69
CA SER A 55 -7.54 -11.01 8.65
C SER A 55 -8.82 -11.94 8.61
N PRO A 56 -8.64 -13.30 8.61
CA PRO A 56 -9.78 -14.23 8.87
C PRO A 56 -10.62 -13.94 10.13
N LYS A 57 -10.05 -13.19 11.06
CA LYS A 57 -10.72 -12.71 12.28
C LYS A 57 -11.78 -11.60 12.10
N ARG A 58 -11.72 -10.85 10.98
CA ARG A 58 -12.70 -9.75 10.73
C ARG A 58 -14.02 -10.41 10.28
N PHE A 59 -15.14 -9.88 10.77
CA PHE A 59 -16.50 -10.21 10.26
C PHE A 59 -16.53 -10.06 8.74
N THR A 60 -15.96 -8.97 8.24
CA THR A 60 -15.84 -8.71 6.80
C THR A 60 -15.26 -9.86 5.97
N HIS A 61 -14.30 -10.60 6.51
CA HIS A 61 -13.67 -11.69 5.77
C HIS A 61 -14.65 -12.74 5.22
N GLY A 62 -15.49 -13.30 6.11
CA GLY A 62 -16.55 -14.21 5.73
C GLY A 62 -17.52 -13.59 4.75
N LEU A 63 -17.85 -12.30 4.92
CA LEU A 63 -18.79 -11.63 4.01
C LEU A 63 -18.24 -11.53 2.59
N LEU A 64 -16.95 -11.25 2.45
CA LEU A 64 -16.31 -11.19 1.14
C LEU A 64 -16.40 -12.55 0.44
N LEU A 65 -16.04 -13.59 1.17
CA LEU A 65 -16.05 -14.93 0.58
C LEU A 65 -17.44 -15.34 0.13
N LYS A 66 -18.48 -14.91 0.82
CA LYS A 66 -19.85 -15.16 0.34
C LYS A 66 -20.26 -14.25 -0.80
N ALA A 67 -20.00 -12.95 -0.71
CA ALA A 67 -20.46 -12.01 -1.75
C ALA A 67 -19.65 -12.11 -3.06
N ARG A 68 -18.34 -12.25 -2.90
CA ARG A 68 -17.39 -12.30 -4.01
C ARG A 68 -17.39 -10.99 -4.81
N ARG A 69 -17.88 -9.94 -4.16
CA ARG A 69 -17.95 -8.57 -4.69
C ARG A 69 -17.78 -7.67 -3.50
N PHE A 70 -17.31 -6.46 -3.74
CA PHE A 70 -17.03 -5.53 -2.68
C PHE A 70 -16.73 -4.13 -3.25
N SER A 71 -16.87 -3.14 -2.39
CA SER A 71 -16.39 -1.77 -2.65
C SER A 71 -15.03 -1.50 -1.96
N ALA A 72 -14.22 -0.66 -2.59
CA ALA A 72 -13.13 0.02 -1.87
C ALA A 72 -13.28 1.51 -2.09
N SER A 73 -13.46 2.23 -0.99
CA SER A 73 -13.72 3.68 -1.00
C SER A 73 -12.63 4.48 -0.22
N PHE A 74 -12.36 5.69 -0.70
CA PHE A 74 -11.23 6.46 -0.26
C PHE A 74 -11.75 7.83 0.24
N HIS A 75 -11.48 8.10 1.51
CA HIS A 75 -12.15 9.17 2.26
C HIS A 75 -11.30 10.36 2.67
N PRO A 76 -11.88 11.58 2.60
CA PRO A 76 -11.15 12.74 3.00
C PRO A 76 -10.89 12.79 4.50
N PHE A 77 -9.86 13.54 4.84
CA PHE A 77 -9.46 13.71 6.21
C PHE A 77 -10.64 13.98 7.12
N GLY A 78 -11.64 14.70 6.57
CA GLY A 78 -12.87 15.08 7.31
C GLY A 78 -13.61 13.92 7.93
N GLN A 79 -13.47 12.74 7.35
CA GLN A 79 -14.12 11.55 7.86
C GLN A 79 -13.24 10.61 8.70
N LYS A 80 -12.20 11.18 9.28
CA LYS A 80 -11.25 10.48 10.11
C LYS A 80 -11.91 9.70 11.25
N ASP A 81 -12.78 10.37 12.02
CA ASP A 81 -13.50 9.70 13.16
C ASP A 81 -14.37 8.51 12.77
N LEU A 82 -15.11 8.67 11.68
CA LEU A 82 -15.99 7.63 11.14
C LEU A 82 -15.17 6.46 10.61
N VAL A 83 -14.09 6.76 9.86
CA VAL A 83 -13.15 5.70 9.46
C VAL A 83 -12.53 4.94 10.63
N HIS A 84 -12.01 5.67 11.58
CA HIS A 84 -11.53 5.04 12.79
C HIS A 84 -12.56 4.16 13.52
N TRP A 85 -13.75 4.73 13.71
CA TRP A 85 -14.87 4.00 14.31
C TRP A 85 -15.15 2.68 13.60
N LEU A 86 -15.22 2.71 12.27
CA LEU A 86 -15.46 1.46 11.49
C LEU A 86 -14.34 0.42 11.70
N GLY A 87 -13.16 0.94 11.97
CA GLY A 87 -11.95 0.17 12.28
C GLY A 87 -11.72 -0.29 13.71
N SER A 88 -12.60 0.07 14.64
CA SER A 88 -12.43 -0.29 16.04
C SER A 88 -13.65 -0.96 16.59
N HIS A 89 -14.69 -1.19 15.78
CA HIS A 89 -15.76 -2.11 16.16
C HIS A 89 -16.06 -3.11 15.05
N SER A 90 -16.71 -4.19 15.45
CA SER A 90 -17.06 -5.30 14.56
C SER A 90 -18.55 -5.36 14.21
N GLY A 91 -18.85 -5.75 12.97
CA GLY A 91 -20.19 -6.15 12.55
C GLY A 91 -20.80 -7.29 13.40
N ARG A 92 -19.96 -8.03 14.10
CA ARG A 92 -20.43 -8.99 15.13
C ARG A 92 -21.11 -8.30 16.31
N GLU A 93 -20.80 -7.04 16.55
CA GLU A 93 -21.39 -6.31 17.66
C GLU A 93 -22.21 -5.03 17.34
N VAL A 94 -22.15 -4.49 16.11
CA VAL A 94 -22.91 -3.30 15.76
C VAL A 94 -23.27 -3.38 14.27
N ASP A 95 -24.47 -2.91 13.87
CA ASP A 95 -24.83 -2.79 12.47
C ASP A 95 -24.12 -1.57 11.86
N LYS A 96 -22.97 -1.84 11.22
CA LYS A 96 -22.22 -0.81 10.54
C LYS A 96 -22.92 -0.34 9.27
N GLY A 97 -23.82 -1.19 8.76
CA GLY A 97 -24.72 -0.84 7.65
C GLY A 97 -25.55 0.40 7.85
N GLN A 98 -25.65 0.86 9.08
CA GLN A 98 -26.31 2.11 9.35
C GLN A 98 -25.47 3.30 8.99
N ALA A 99 -24.15 3.13 8.80
CA ALA A 99 -23.32 4.19 8.26
C ALA A 99 -23.95 4.65 6.94
N PRO A 100 -24.07 5.98 6.71
CA PRO A 100 -24.68 6.41 5.42
C PRO A 100 -23.90 5.92 4.22
N HIS A 101 -24.61 5.44 3.22
CA HIS A 101 -23.98 4.73 2.15
C HIS A 101 -25.01 4.53 1.04
N PHE A 102 -24.50 4.16 -0.14
CA PHE A 102 -25.33 3.79 -1.25
C PHE A 102 -24.88 2.47 -1.92
N LEU A 103 -25.75 1.97 -2.76
CA LEU A 103 -25.50 0.73 -3.46
C LEU A 103 -25.04 1.13 -4.88
N GLY A 104 -23.95 0.53 -5.32
CA GLY A 104 -23.43 0.83 -6.68
C GLY A 104 -24.08 0.01 -7.76
N HIS A 105 -23.48 0.07 -8.96
CA HIS A 105 -24.07 -0.62 -10.11
C HIS A 105 -24.15 -2.12 -9.98
N THR A 106 -23.22 -2.70 -9.23
CA THR A 106 -23.16 -4.13 -9.03
C THR A 106 -23.72 -4.55 -7.68
N GLY A 107 -24.20 -3.59 -6.89
CA GLY A 107 -24.96 -3.96 -5.64
C GLY A 107 -24.14 -3.82 -4.36
N VAL A 108 -22.85 -3.51 -4.52
CA VAL A 108 -21.88 -3.34 -3.40
C VAL A 108 -22.18 -2.07 -2.69
N PRO A 109 -22.02 -2.07 -1.33
CA PRO A 109 -22.26 -0.84 -0.63
C PRO A 109 -21.03 0.09 -0.63
N ILE A 110 -21.27 1.37 -0.83
CA ILE A 110 -20.22 2.36 -0.88
C ILE A 110 -20.50 3.40 0.24
N LEU A 111 -19.52 3.59 1.12
CA LEU A 111 -19.60 4.52 2.23
C LEU A 111 -19.66 5.94 1.68
N GLU A 112 -20.65 6.71 2.13
CA GLU A 112 -20.90 8.02 1.55
C GLU A 112 -19.82 8.96 2.04
N GLY A 113 -19.49 9.94 1.21
CA GLY A 113 -18.50 10.98 1.58
C GLY A 113 -17.12 10.79 0.95
N ALA A 114 -16.94 9.69 0.24
CA ALA A 114 -15.69 9.33 -0.40
C ALA A 114 -15.35 10.32 -1.48
N TYR A 115 -14.06 10.62 -1.67
CA TYR A 115 -13.69 11.36 -2.90
C TYR A 115 -13.58 10.44 -4.14
N ALA A 116 -13.34 9.15 -3.89
CA ALA A 116 -13.39 8.10 -4.91
C ALA A 116 -13.66 6.71 -4.31
N ALA A 117 -14.22 5.83 -5.13
CA ALA A 117 -14.42 4.40 -4.84
C ALA A 117 -14.44 3.50 -6.06
N TYR A 118 -14.04 2.26 -5.84
CA TYR A 118 -14.06 1.20 -6.86
C TYR A 118 -15.14 0.18 -6.47
N GLU A 119 -15.96 -0.26 -7.43
CA GLU A 119 -16.68 -1.54 -7.31
C GLU A 119 -15.80 -2.63 -7.85
N LEU A 120 -15.64 -3.66 -7.01
CA LEU A 120 -14.80 -4.76 -7.37
C LEU A 120 -15.51 -6.07 -7.43
N GLU A 121 -15.06 -6.88 -8.37
CA GLU A 121 -15.41 -8.30 -8.44
C GLU A 121 -14.25 -9.10 -7.98
N LEU A 122 -14.49 -9.99 -7.01
CA LEU A 122 -13.43 -10.76 -6.42
C LEU A 122 -12.92 -11.78 -7.44
N LEU A 123 -11.61 -11.81 -7.65
CA LEU A 123 -11.01 -12.69 -8.64
C LEU A 123 -10.33 -13.89 -7.96
N GLU A 124 -9.45 -13.57 -7.01
CA GLU A 124 -8.70 -14.57 -6.24
C GLU A 124 -8.48 -14.14 -4.78
N VAL A 125 -8.28 -15.12 -3.93
CA VAL A 125 -7.91 -14.88 -2.54
C VAL A 125 -6.66 -15.67 -2.26
N HIS A 126 -5.68 -14.99 -1.70
CA HIS A 126 -4.46 -15.69 -1.33
C HIS A 126 -4.11 -15.56 0.14
N THR A 127 -3.78 -16.69 0.78
CA THR A 127 -3.31 -16.64 2.18
C THR A 127 -1.82 -16.36 2.28
N PHE A 128 -1.45 -15.30 3.01
CA PHE A 128 -0.05 -15.04 3.28
C PHE A 128 0.07 -14.84 4.79
N GLY A 129 0.65 -15.82 5.50
CA GLY A 129 0.70 -15.82 6.98
C GLY A 129 -0.68 -15.56 7.56
N ASP A 130 -0.82 -14.53 8.40
CA ASP A 130 -2.06 -14.33 9.20
C ASP A 130 -3.11 -13.36 8.58
N HIS A 131 -2.96 -13.03 7.29
CA HIS A 131 -4.03 -12.33 6.54
C HIS A 131 -4.17 -12.95 5.18
N ASP A 132 -5.35 -12.84 4.58
CA ASP A 132 -5.64 -13.20 3.21
C ASP A 132 -5.74 -11.96 2.33
N LEU A 133 -5.07 -12.01 1.17
CA LEU A 133 -5.14 -10.98 0.15
C LEU A 133 -6.32 -11.25 -0.79
N PHE A 134 -7.28 -10.34 -0.76
CA PHE A 134 -8.45 -10.34 -1.66
C PHE A 134 -8.10 -9.51 -2.87
N VAL A 135 -8.02 -10.16 -4.01
CA VAL A 135 -7.68 -9.48 -5.25
C VAL A 135 -8.95 -9.27 -6.08
N GLY A 136 -9.32 -8.02 -6.26
CA GLY A 136 -10.51 -7.64 -6.98
C GLY A 136 -10.18 -6.98 -8.32
N ARG A 137 -11.08 -7.20 -9.28
CA ARG A 137 -11.08 -6.53 -10.57
C ARG A 137 -12.00 -5.36 -10.46
N VAL A 138 -11.52 -4.20 -10.85
CA VAL A 138 -12.28 -2.97 -10.77
C VAL A 138 -13.24 -3.00 -11.94
N VAL A 139 -14.55 -3.03 -11.63
CA VAL A 139 -15.64 -3.03 -12.64
C VAL A 139 -16.47 -1.74 -12.73
N ALA A 140 -16.37 -0.86 -11.74
CA ALA A 140 -16.94 0.46 -11.81
C ALA A 140 -16.14 1.43 -10.95
N VAL A 141 -16.20 2.69 -11.34
CA VAL A 141 -15.46 3.77 -10.70
C VAL A 141 -16.36 4.94 -10.35
N TRP A 142 -16.33 5.32 -9.07
CA TRP A 142 -16.98 6.51 -8.55
C TRP A 142 -15.94 7.62 -8.24
N GLU A 143 -16.30 8.86 -8.53
CA GLU A 143 -15.41 10.01 -8.35
C GLU A 143 -16.25 11.20 -7.94
N GLU A 144 -15.80 11.89 -6.90
CA GLU A 144 -16.40 13.16 -6.47
C GLU A 144 -15.61 14.26 -7.14
N GLU A 145 -16.10 14.66 -8.31
CA GLU A 145 -15.34 15.57 -9.20
C GLU A 145 -14.71 16.77 -8.49
N GLY A 146 -15.43 17.34 -7.53
CA GLY A 146 -14.97 18.51 -6.80
C GLY A 146 -13.80 18.28 -5.87
N LEU A 147 -13.60 17.02 -5.46
CA LEU A 147 -12.59 16.65 -4.48
C LEU A 147 -11.34 16.05 -5.11
N LEU A 148 -11.26 16.01 -6.45
CA LEU A 148 -10.08 15.44 -7.13
C LEU A 148 -9.45 16.35 -8.19
N ASP A 149 -8.13 16.20 -8.37
CA ASP A 149 -7.35 16.92 -9.42
C ASP A 149 -7.55 16.30 -10.83
N ARG A 153 -6.80 11.86 -8.59
CA ARG A 153 -6.26 11.85 -7.23
C ARG A 153 -7.03 12.78 -6.29
N PRO A 154 -7.01 12.50 -4.96
CA PRO A 154 -7.54 13.57 -4.09
C PRO A 154 -6.74 14.84 -4.31
N LYS A 155 -7.43 15.98 -4.35
CA LYS A 155 -6.79 17.28 -4.26
C LYS A 155 -5.91 17.48 -3.02
N PRO A 156 -4.91 18.38 -3.13
CA PRO A 156 -3.90 18.54 -2.09
C PRO A 156 -4.44 18.50 -0.66
N GLY A 157 -3.79 17.71 0.19
CA GLY A 157 -4.17 17.65 1.61
C GLY A 157 -5.49 16.98 1.99
N LEU A 158 -6.25 16.52 1.00
CA LEU A 158 -7.55 15.90 1.24
C LEU A 158 -7.40 14.50 1.84
N ALA A 159 -6.49 13.71 1.28
CA ALA A 159 -6.37 12.26 1.64
C ALA A 159 -6.19 11.94 3.15
N LEU A 160 -6.96 10.97 3.62
CA LEU A 160 -6.72 10.42 4.95
C LEU A 160 -5.52 9.47 4.94
N LEU A 161 -4.59 9.71 5.87
CA LEU A 161 -3.40 8.86 6.07
C LEU A 161 -3.47 8.21 7.44
N TYR A 162 -3.14 6.92 7.51
CA TYR A 162 -3.07 6.20 8.77
C TYR A 162 -1.61 5.88 9.02
N TYR A 163 -1.13 6.19 10.21
CA TYR A 163 0.23 5.88 10.60
C TYR A 163 0.35 4.58 11.43
N GLY A 164 -0.78 3.97 11.80
CA GLY A 164 -0.79 2.76 12.68
C GLY A 164 -1.15 3.07 14.12
N LYS A 165 -1.78 2.12 14.81
CA LYS A 165 -2.11 2.29 16.24
C LYS A 165 -2.82 3.59 16.58
N GLY A 166 -3.92 3.87 15.87
CA GLY A 166 -4.83 4.94 16.22
C GLY A 166 -4.39 6.34 15.81
N LEU A 167 -3.32 6.45 15.02
CA LEU A 167 -2.74 7.76 14.69
C LEU A 167 -2.91 8.04 13.20
N TYR A 168 -3.65 9.11 12.90
CA TYR A 168 -3.94 9.60 11.55
C TYR A 168 -3.33 10.92 11.18
N GLY A 169 -3.27 11.16 9.87
CA GLY A 169 -2.74 12.40 9.30
C GLY A 169 -3.37 12.73 7.96
N ARG A 170 -2.71 13.60 7.23
CA ARG A 170 -3.13 14.01 5.91
C ARG A 170 -1.88 14.48 5.17
N PRO A 171 -1.91 14.49 3.84
CA PRO A 171 -0.70 15.02 3.19
C PRO A 171 -0.54 16.53 3.39
N ALA A 172 0.69 17.01 3.33
CA ALA A 172 0.95 18.44 3.25
C ALA A 172 0.47 18.96 1.89
N GLU A 173 0.11 20.24 1.88
CA GLU A 173 -0.42 20.85 0.68
C GLU A 173 0.58 20.92 -0.47
N GLU A 174 1.86 21.07 -0.14
CA GLU A 174 2.89 21.36 -1.13
C GLU A 174 3.33 20.06 -1.80
N THR A 175 3.36 20.05 -3.13
CA THR A 175 3.85 18.90 -3.88
C THR A 175 5.03 19.31 -4.77
N PHE A 176 5.68 18.31 -5.37
CA PHE A 176 6.87 18.53 -6.19
C PHE A 176 7.00 17.51 -7.32
N ALA A 177 7.39 18.02 -8.49
CA ALA A 177 7.41 17.24 -9.71
C ALA A 177 8.67 17.57 -10.52
N PRO A 178 9.81 16.90 -10.18
CA PRO A 178 11.10 17.13 -10.86
C PRO A 178 11.20 16.45 -12.22
N MET B 1 -22.37 12.02 -7.28
CA MET B 1 -21.03 11.43 -7.57
C MET B 1 -21.00 10.84 -8.99
N ARG B 2 -20.09 11.33 -9.84
CA ARG B 2 -19.81 10.69 -11.15
C ARG B 2 -19.43 9.21 -10.98
N SER B 3 -19.97 8.36 -11.84
CA SER B 3 -19.48 6.99 -12.05
C SER B 3 -19.40 6.52 -13.51
N TYR B 4 -18.55 5.55 -13.73
CA TYR B 4 -18.53 4.89 -14.98
C TYR B 4 -18.21 3.41 -14.75
N ARG B 5 -18.64 2.55 -15.66
CA ARG B 5 -18.17 1.19 -15.67
C ARG B 5 -16.76 1.11 -16.26
N ALA B 6 -15.97 0.14 -15.76
CA ALA B 6 -14.66 -0.14 -16.35
C ALA B 6 -14.82 -0.86 -17.69
N GLN B 7 -14.03 -0.41 -18.67
CA GLN B 7 -14.08 -0.90 -20.03
C GLN B 7 -12.69 -1.33 -20.47
N GLY B 8 -11.80 -1.45 -19.50
CA GLY B 8 -10.39 -1.69 -19.76
C GLY B 8 -9.58 -1.00 -18.68
N PRO B 9 -8.32 -0.73 -18.98
CA PRO B 9 -7.53 0.09 -18.05
C PRO B 9 -8.10 1.48 -17.79
N LEU B 10 -7.97 1.96 -16.56
CA LEU B 10 -8.62 3.22 -16.21
C LEU B 10 -7.90 4.40 -16.88
N PRO B 11 -8.61 5.50 -17.20
CA PRO B 11 -7.91 6.72 -17.71
C PRO B 11 -6.76 7.16 -16.75
N GLY B 12 -7.04 7.11 -15.45
CA GLY B 12 -6.03 7.20 -14.39
C GLY B 12 -6.38 6.19 -13.27
N PHE B 13 -5.39 5.46 -12.80
CA PHE B 13 -5.50 4.47 -11.72
C PHE B 13 -4.80 5.01 -10.44
N TYR B 14 -5.16 6.21 -9.99
CA TYR B 14 -4.48 6.89 -8.86
C TYR B 14 -5.39 7.21 -7.68
N HIS B 15 -6.57 6.62 -7.66
CA HIS B 15 -7.60 7.07 -6.70
C HIS B 15 -7.22 6.78 -5.24
N TYR B 16 -6.40 5.76 -5.06
CA TYR B 16 -5.95 5.25 -3.78
C TYR B 16 -4.57 5.77 -3.33
N TYR B 17 -4.01 6.74 -4.09
CA TYR B 17 -2.73 7.43 -3.76
C TYR B 17 -3.06 8.65 -2.83
N PRO B 18 -2.06 9.20 -2.19
CA PRO B 18 -0.63 8.84 -2.25
C PRO B 18 -0.27 7.56 -1.49
N GLY B 19 0.93 7.06 -1.74
CA GLY B 19 1.51 5.95 -0.97
C GLY B 19 3.00 6.18 -0.79
N VAL B 20 3.56 5.52 0.22
CA VAL B 20 4.97 5.48 0.39
C VAL B 20 5.58 4.59 -0.69
N PRO B 21 6.56 5.11 -1.44
CA PRO B 21 7.18 4.22 -2.41
C PRO B 21 8.29 3.42 -1.69
N ALA B 22 8.20 2.10 -1.72
CA ALA B 22 9.25 1.29 -1.17
C ALA B 22 10.38 1.15 -2.20
N VAL B 23 11.58 1.50 -1.82
CA VAL B 23 12.72 1.23 -2.68
C VAL B 23 13.26 -0.22 -2.52
N VAL B 24 13.16 -0.94 -3.64
CA VAL B 24 13.45 -2.38 -3.70
C VAL B 24 14.89 -2.52 -4.24
N GLY B 25 15.81 -3.04 -3.41
CA GLY B 25 17.23 -3.18 -3.72
C GLY B 25 17.52 -4.61 -3.89
N VAL B 26 18.25 -4.98 -4.96
CA VAL B 26 18.52 -6.41 -5.23
C VAL B 26 19.89 -6.55 -5.83
N ARG B 27 20.57 -7.63 -5.47
CA ARG B 27 21.96 -7.80 -5.88
C ARG B 27 22.09 -9.18 -6.49
N VAL B 28 22.71 -9.25 -7.68
CA VAL B 28 23.07 -10.55 -8.24
C VAL B 28 24.58 -10.47 -8.57
N GLU B 29 25.32 -11.34 -7.92
CA GLU B 29 26.75 -11.22 -7.80
C GLU B 29 27.16 -9.79 -7.48
N GLU B 30 27.81 -9.14 -8.44
CA GLU B 30 28.41 -7.87 -8.20
C GLU B 30 27.45 -6.73 -8.60
N ARG B 31 26.42 -7.08 -9.39
CA ARG B 31 25.45 -6.11 -9.87
C ARG B 31 24.36 -5.78 -8.83
N VAL B 32 24.21 -4.49 -8.54
CA VAL B 32 23.23 -3.98 -7.59
C VAL B 32 22.26 -3.09 -8.35
N ASN B 33 20.97 -3.28 -8.07
CA ASN B 33 19.93 -2.47 -8.69
C ASN B 33 18.89 -2.02 -7.67
N PHE B 34 18.29 -0.87 -7.92
CA PHE B 34 17.24 -0.37 -7.05
C PHE B 34 16.11 0.08 -7.93
N CYS B 35 14.87 -0.14 -7.50
CA CYS B 35 13.75 0.56 -8.11
C CYS B 35 12.60 0.81 -7.15
N PRO B 36 11.96 1.99 -7.26
CA PRO B 36 10.90 2.31 -6.31
C PRO B 36 9.67 1.46 -6.67
N ALA B 37 8.89 1.06 -5.68
CA ALA B 37 7.60 0.43 -5.94
C ALA B 37 6.57 1.08 -5.07
N VAL B 38 5.63 1.78 -5.66
CA VAL B 38 4.59 2.35 -4.82
C VAL B 38 3.48 1.34 -4.58
N TRP B 39 3.47 0.24 -5.37
CA TRP B 39 2.49 -0.80 -5.11
C TRP B 39 3.12 -1.76 -4.15
N ASN B 40 2.94 -1.43 -2.87
CA ASN B 40 3.48 -2.20 -1.81
C ASN B 40 2.55 -2.23 -0.62
N THR B 41 2.68 -3.26 0.19
CA THR B 41 1.75 -3.43 1.36
C THR B 41 2.29 -4.50 2.27
N GLY B 42 2.01 -4.29 3.55
CA GLY B 42 2.08 -5.34 4.56
C GLY B 42 1.16 -6.44 4.13
N LEU B 43 1.55 -7.68 4.43
CA LEU B 43 0.70 -8.84 4.09
C LEU B 43 0.42 -9.75 5.32
N SER B 44 1.27 -9.75 6.35
CA SER B 44 1.02 -10.55 7.57
C SER B 44 1.86 -9.94 8.68
N ALA B 45 1.39 -10.03 9.92
CA ALA B 45 2.20 -9.66 11.07
C ALA B 45 3.03 -10.83 11.64
N ASP B 46 2.37 -11.98 11.80
CA ASP B 46 2.93 -13.16 12.43
C ASP B 46 2.68 -14.30 11.46
N PRO B 47 3.67 -14.60 10.59
CA PRO B 47 4.99 -14.02 10.51
C PRO B 47 5.02 -12.72 9.69
N PRO B 48 6.07 -11.87 9.89
CA PRO B 48 6.04 -10.61 9.17
C PRO B 48 6.33 -10.74 7.66
N LEU B 49 5.31 -10.49 6.87
CA LEU B 49 5.42 -10.50 5.40
C LEU B 49 5.04 -9.17 4.77
N PHE B 50 5.78 -8.86 3.67
CA PHE B 50 5.67 -7.61 2.96
C PHE B 50 5.80 -7.85 1.46
N GLY B 51 4.96 -7.18 0.69
CA GLY B 51 4.86 -7.42 -0.72
C GLY B 51 5.10 -6.16 -1.52
N VAL B 52 5.75 -6.37 -2.66
CA VAL B 52 6.00 -5.41 -3.72
C VAL B 52 5.47 -5.95 -5.06
N SER B 53 4.70 -5.12 -5.77
CA SER B 53 4.14 -5.48 -7.07
C SER B 53 5.00 -4.91 -8.17
N ILE B 54 5.62 -5.82 -8.93
CA ILE B 54 6.72 -5.47 -9.87
C ILE B 54 6.38 -5.96 -11.28
N SER B 55 6.38 -5.01 -12.22
CA SER B 55 6.12 -5.36 -13.63
C SER B 55 7.22 -6.28 -14.26
N PRO B 56 6.82 -7.38 -14.95
CA PRO B 56 7.87 -8.15 -15.64
C PRO B 56 8.71 -7.36 -16.62
N LYS B 57 8.32 -6.11 -16.94
CA LYS B 57 9.12 -5.23 -17.78
C LYS B 57 10.34 -4.63 -17.09
N ARG B 58 10.38 -4.63 -15.74
CA ARG B 58 11.52 -4.02 -14.99
C ARG B 58 12.72 -4.95 -15.00
N PHE B 59 13.91 -4.41 -15.22
CA PHE B 59 15.15 -5.16 -15.01
C PHE B 59 15.18 -5.79 -13.60
N THR B 60 14.64 -5.09 -12.61
CA THR B 60 14.52 -5.64 -11.23
C THR B 60 13.74 -6.93 -11.07
N HIS B 61 12.71 -7.12 -11.89
CA HIS B 61 11.90 -8.34 -11.85
C HIS B 61 12.79 -9.57 -12.01
N GLY B 62 13.61 -9.59 -13.08
CA GLY B 62 14.46 -10.77 -13.32
C GLY B 62 15.50 -10.96 -12.24
N LEU B 63 15.98 -9.83 -11.68
CA LEU B 63 16.95 -9.90 -10.61
C LEU B 63 16.40 -10.50 -9.33
N LEU B 64 15.13 -10.19 -9.00
CA LEU B 64 14.44 -10.78 -7.85
C LEU B 64 14.34 -12.35 -7.94
N LEU B 65 13.92 -12.80 -9.12
CA LEU B 65 13.81 -14.19 -9.44
C LEU B 65 15.13 -14.89 -9.29
N LYS B 66 16.23 -14.28 -9.74
CA LYS B 66 17.55 -14.92 -9.54
C LYS B 66 18.01 -14.91 -8.08
N ALA B 67 17.98 -13.75 -7.42
CA ALA B 67 18.53 -13.62 -6.06
C ALA B 67 17.65 -14.25 -4.94
N ARG B 68 16.35 -14.20 -5.14
N ARG B 68 16.34 -14.23 -5.13
CA ARG B 68 15.34 -14.62 -4.16
CA ARG B 68 15.36 -14.67 -4.14
C ARG B 68 15.51 -14.00 -2.79
C ARG B 68 15.46 -13.98 -2.79
N ARG B 69 16.08 -12.80 -2.78
CA ARG B 69 16.29 -12.02 -1.56
C ARG B 69 16.26 -10.61 -2.06
N PHE B 70 15.88 -9.66 -1.21
CA PHE B 70 15.88 -8.23 -1.58
C PHE B 70 15.74 -7.35 -0.34
N SER B 71 15.96 -6.05 -0.51
CA SER B 71 15.61 -5.08 0.49
C SER B 71 14.33 -4.30 0.08
N ALA B 72 13.71 -3.75 1.10
CA ALA B 72 12.69 -2.71 0.89
C ALA B 72 13.05 -1.57 1.85
N SER B 73 13.36 -0.40 1.31
CA SER B 73 13.82 0.74 2.11
C SER B 73 12.84 1.95 2.00
N PHE B 74 12.62 2.66 3.10
CA PHE B 74 11.68 3.76 3.18
C PHE B 74 12.42 5.08 3.42
N HIS B 75 12.28 6.03 2.49
CA HIS B 75 13.14 7.22 2.50
C HIS B 75 12.38 8.47 2.86
N PRO B 76 13.11 9.44 3.44
CA PRO B 76 12.57 10.73 3.81
C PRO B 76 12.36 11.63 2.60
N PHE B 77 11.42 12.54 2.75
CA PHE B 77 11.06 13.52 1.71
C PHE B 77 12.34 14.08 1.03
N GLY B 78 13.42 14.23 1.78
CA GLY B 78 14.67 14.89 1.29
C GLY B 78 15.28 14.13 0.14
N GLN B 79 14.91 12.85 -0.02
CA GLN B 79 15.42 12.09 -1.13
C GLN B 79 14.47 11.90 -2.30
N LYS B 80 13.49 12.79 -2.47
CA LYS B 80 12.56 12.66 -3.59
C LYS B 80 13.23 12.57 -4.94
N ASP B 81 14.30 13.37 -5.15
CA ASP B 81 14.98 13.46 -6.47
C ASP B 81 15.69 12.17 -6.82
N LEU B 82 16.38 11.57 -5.85
CA LEU B 82 17.07 10.26 -6.02
C LEU B 82 16.04 9.14 -6.27
N VAL B 83 14.99 9.09 -5.46
CA VAL B 83 13.96 8.11 -5.61
C VAL B 83 13.34 8.19 -7.02
N HIS B 84 13.05 9.41 -7.47
CA HIS B 84 12.43 9.59 -8.77
C HIS B 84 13.39 9.13 -9.89
N TRP B 85 14.64 9.55 -9.77
CA TRP B 85 15.69 9.10 -10.67
C TRP B 85 15.74 7.55 -10.78
N LEU B 86 15.70 6.83 -9.66
CA LEU B 86 15.75 5.35 -9.66
C LEU B 86 14.53 4.77 -10.31
N GLY B 87 13.44 5.50 -10.19
CA GLY B 87 12.22 5.13 -10.85
C GLY B 87 12.04 5.61 -12.28
N SER B 88 13.05 6.28 -12.85
CA SER B 88 12.96 6.86 -14.18
C SER B 88 14.03 6.40 -15.12
N HIS B 89 14.98 5.62 -14.63
CA HIS B 89 15.97 4.93 -15.46
C HIS B 89 15.98 3.44 -15.09
N SER B 90 16.39 2.65 -16.07
CA SER B 90 16.53 1.20 -15.91
C SER B 90 17.98 0.78 -15.72
N GLY B 91 18.16 -0.28 -14.93
CA GLY B 91 19.47 -0.94 -14.80
C GLY B 91 19.96 -1.59 -16.13
N ARG B 92 19.09 -1.70 -17.10
CA ARG B 92 19.52 -2.12 -18.45
C ARG B 92 20.40 -1.00 -19.08
N GLU B 93 20.26 0.26 -18.64
CA GLU B 93 20.98 1.36 -19.24
C GLU B 93 21.90 2.18 -18.35
N VAL B 94 21.88 1.92 -17.05
CA VAL B 94 22.68 2.74 -16.14
C VAL B 94 22.92 1.88 -14.93
N ASP B 95 24.10 2.07 -14.31
CA ASP B 95 24.49 1.30 -13.14
C ASP B 95 24.02 1.97 -11.86
N LYS B 96 22.87 1.54 -11.41
CA LYS B 96 22.25 2.12 -10.21
C LYS B 96 22.95 1.65 -8.94
N GLY B 97 23.80 0.64 -9.05
CA GLY B 97 24.73 0.27 -7.97
C GLY B 97 25.62 1.38 -7.46
N GLN B 98 25.90 2.37 -8.29
CA GLN B 98 26.67 3.53 -7.84
C GLN B 98 25.88 4.46 -6.95
N ALA B 99 24.55 4.30 -6.82
CA ALA B 99 23.82 5.04 -5.78
C ALA B 99 24.37 4.56 -4.44
N PRO B 100 24.64 5.48 -3.49
CA PRO B 100 25.31 5.04 -2.24
C PRO B 100 24.43 4.07 -1.45
N HIS B 101 24.98 2.93 -1.09
CA HIS B 101 24.21 1.86 -0.49
C HIS B 101 25.11 1.04 0.38
N PHE B 102 24.48 0.16 1.15
CA PHE B 102 25.23 -0.77 1.94
C PHE B 102 24.60 -2.14 1.88
N LEU B 103 25.41 -3.14 2.21
CA LEU B 103 24.97 -4.52 2.18
C LEU B 103 24.46 -4.97 3.57
N GLY B 104 23.29 -5.58 3.62
CA GLY B 104 22.71 -5.96 4.89
C GLY B 104 23.26 -7.28 5.38
N HIS B 105 22.68 -7.78 6.46
CA HIS B 105 23.13 -9.04 7.05
C HIS B 105 23.02 -10.23 6.09
N THR B 106 22.05 -10.17 5.18
CA THR B 106 21.79 -11.29 4.26
C THR B 106 22.42 -11.02 2.89
N GLY B 107 23.13 -9.89 2.79
CA GLY B 107 23.87 -9.48 1.56
C GLY B 107 23.02 -8.71 0.55
N VAL B 108 21.80 -8.35 0.96
CA VAL B 108 20.94 -7.50 0.16
C VAL B 108 21.42 -6.04 0.24
N PRO B 109 21.31 -5.30 -0.87
CA PRO B 109 21.75 -3.89 -0.92
C PRO B 109 20.64 -3.00 -0.43
N ILE B 110 21.00 -2.09 0.46
CA ILE B 110 20.09 -1.16 1.06
C ILE B 110 20.54 0.27 0.69
N LEU B 111 19.64 1.04 0.10
CA LEU B 111 19.93 2.36 -0.38
C LEU B 111 20.19 3.27 0.81
N GLU B 112 21.34 3.96 0.83
CA GLU B 112 21.67 4.85 1.98
C GLU B 112 20.70 6.02 2.10
N GLY B 113 20.52 6.50 3.33
CA GLY B 113 19.61 7.58 3.65
C GLY B 113 18.23 7.23 4.19
N ALA B 114 17.82 5.97 4.20
CA ALA B 114 16.47 5.65 4.62
C ALA B 114 16.31 5.84 6.12
N TYR B 115 15.06 6.07 6.51
CA TYR B 115 14.75 6.02 7.94
C TYR B 115 14.49 4.62 8.49
N ALA B 116 14.17 3.67 7.60
CA ALA B 116 13.97 2.27 7.95
C ALA B 116 14.07 1.38 6.70
N ALA B 117 14.31 0.10 6.92
CA ALA B 117 14.40 -0.88 5.83
C ALA B 117 14.29 -2.28 6.31
N TYR B 118 13.73 -3.09 5.43
CA TYR B 118 13.66 -4.53 5.66
C TYR B 118 14.62 -5.28 4.74
N GLU B 119 15.17 -6.37 5.27
CA GLU B 119 15.83 -7.43 4.46
C GLU B 119 14.84 -8.52 4.37
N LEU B 120 14.62 -8.98 3.16
CA LEU B 120 13.59 -9.95 2.88
C LEU B 120 14.08 -11.17 2.14
N GLU B 121 13.46 -12.29 2.49
N GLU B 121 13.58 -12.34 2.54
CA GLU B 121 13.65 -13.56 1.83
CA GLU B 121 13.71 -13.54 1.73
C GLU B 121 12.38 -13.84 1.02
C GLU B 121 12.40 -13.69 0.99
N LEU B 122 12.51 -13.94 -0.31
CA LEU B 122 11.33 -14.10 -1.19
C LEU B 122 10.65 -15.42 -0.90
N LEU B 123 9.34 -15.41 -0.62
CA LEU B 123 8.61 -16.64 -0.29
C LEU B 123 7.79 -17.16 -1.49
N GLU B 124 6.99 -16.27 -2.09
CA GLU B 124 6.16 -16.59 -3.27
C GLU B 124 6.06 -15.42 -4.22
N VAL B 125 5.73 -15.72 -5.47
CA VAL B 125 5.48 -14.75 -6.53
C VAL B 125 4.16 -15.07 -7.21
N HIS B 126 3.27 -14.09 -7.27
CA HIS B 126 1.95 -14.32 -7.78
C HIS B 126 1.69 -13.34 -8.92
N THR B 127 1.34 -13.86 -10.10
CA THR B 127 0.92 -13.04 -11.24
C THR B 127 -0.54 -12.63 -11.08
N PHE B 128 -0.74 -11.31 -11.06
CA PHE B 128 -2.06 -10.69 -11.09
C PHE B 128 -2.02 -9.67 -12.23
N GLY B 129 -2.69 -9.99 -13.34
CA GLY B 129 -2.66 -9.15 -14.52
C GLY B 129 -1.25 -8.77 -14.96
N ASP B 130 -0.97 -7.46 -15.05
CA ASP B 130 0.30 -7.03 -15.63
C ASP B 130 1.43 -6.81 -14.63
N HIS B 131 1.27 -7.22 -13.39
CA HIS B 131 2.41 -7.18 -12.45
C HIS B 131 2.44 -8.46 -11.65
N ASP B 132 3.59 -8.80 -11.11
CA ASP B 132 3.72 -9.94 -10.24
C ASP B 132 3.93 -9.39 -8.83
N LEU B 133 3.19 -9.91 -7.87
CA LEU B 133 3.47 -9.65 -6.48
C LEU B 133 4.55 -10.58 -5.95
N PHE B 134 5.63 -9.98 -5.48
CA PHE B 134 6.70 -10.64 -4.78
C PHE B 134 6.47 -10.52 -3.28
N VAL B 135 6.17 -11.65 -2.66
CA VAL B 135 5.89 -11.72 -1.23
C VAL B 135 7.18 -12.08 -0.49
N GLY B 136 7.69 -11.17 0.33
CA GLY B 136 8.92 -11.37 1.10
C GLY B 136 8.67 -11.57 2.59
N ARG B 137 9.50 -12.39 3.22
CA ARG B 137 9.49 -12.50 4.69
C ARG B 137 10.58 -11.65 5.20
N VAL B 138 10.21 -10.76 6.12
CA VAL B 138 11.15 -9.91 6.80
C VAL B 138 12.06 -10.71 7.75
N VAL B 139 13.35 -10.75 7.42
CA VAL B 139 14.35 -11.46 8.21
C VAL B 139 15.36 -10.54 8.92
N ALA B 140 15.46 -9.28 8.49
CA ALA B 140 16.09 -8.27 9.32
C ALA B 140 15.46 -6.90 9.12
N VAL B 141 15.70 -6.05 10.12
CA VAL B 141 15.11 -4.72 10.23
C VAL B 141 16.23 -3.72 10.51
N TRP B 142 16.21 -2.62 9.76
CA TRP B 142 17.09 -1.47 9.94
C TRP B 142 16.24 -0.30 10.32
N GLU B 143 16.71 0.50 11.28
CA GLU B 143 15.97 1.64 11.75
C GLU B 143 16.94 2.78 12.13
N GLU B 144 16.64 3.98 11.63
CA GLU B 144 17.43 5.14 11.86
C GLU B 144 16.85 5.79 13.11
N GLU B 145 17.54 5.62 14.23
N GLU B 145 17.57 5.64 14.23
CA GLU B 145 17.01 5.99 15.54
CA GLU B 145 17.09 6.05 15.53
C GLU B 145 16.72 7.47 15.59
C GLU B 145 16.71 7.52 15.54
N GLY B 146 15.54 7.80 16.09
CA GLY B 146 15.12 9.17 16.32
C GLY B 146 14.13 9.62 15.28
N LEU B 147 13.93 8.80 14.24
CA LEU B 147 12.94 9.10 13.20
C LEU B 147 11.83 8.06 13.20
N LYS B 151 6.81 3.79 19.31
CA LYS B 151 5.94 2.75 18.72
C LYS B 151 6.43 2.18 17.36
N GLY B 152 7.48 2.77 16.78
CA GLY B 152 8.01 2.30 15.48
C GLY B 152 7.49 3.04 14.25
N ARG B 153 6.59 4.00 14.47
CA ARG B 153 5.98 4.78 13.39
C ARG B 153 6.96 5.90 12.97
N PRO B 154 7.25 6.02 11.65
CA PRO B 154 8.07 7.11 11.11
C PRO B 154 7.59 8.56 11.50
N LYS B 155 8.52 9.45 11.80
CA LYS B 155 8.22 10.74 12.45
C LYS B 155 7.41 11.73 11.58
N PRO B 156 7.01 12.88 12.18
CA PRO B 156 6.00 13.72 11.52
C PRO B 156 6.51 14.40 10.29
N GLY B 157 5.74 14.32 9.21
CA GLY B 157 6.12 15.05 8.02
C GLY B 157 7.35 14.50 7.29
N LEU B 158 7.90 13.40 7.78
CA LEU B 158 9.16 12.89 7.20
C LEU B 158 9.02 12.05 5.93
N ALA B 159 7.98 11.23 5.87
CA ALA B 159 7.85 10.20 4.80
C ALA B 159 7.70 10.78 3.40
N LEU B 160 8.42 10.20 2.45
CA LEU B 160 8.16 10.57 1.06
C LEU B 160 6.85 9.92 0.62
N LEU B 161 5.97 10.69 -0.04
CA LEU B 161 4.74 10.21 -0.61
C LEU B 161 4.82 10.38 -2.13
N TYR B 162 4.23 9.43 -2.83
CA TYR B 162 4.09 9.52 -4.27
C TYR B 162 2.62 9.55 -4.63
N TYR B 163 2.27 10.50 -5.49
CA TYR B 163 0.89 10.67 -5.90
C TYR B 163 0.62 10.10 -7.28
N GLY B 164 1.66 9.59 -7.93
CA GLY B 164 1.53 9.20 -9.34
C GLY B 164 1.95 10.30 -10.33
N LYS B 165 2.42 9.83 -11.49
CA LYS B 165 2.73 10.62 -12.64
C LYS B 165 3.70 11.74 -12.28
N GLY B 166 4.78 11.33 -11.62
CA GLY B 166 5.87 12.21 -11.29
C GLY B 166 5.64 13.23 -10.20
N LEU B 167 4.62 13.03 -9.34
CA LEU B 167 4.31 14.02 -8.33
C LEU B 167 4.47 13.44 -6.95
N TYR B 168 5.20 14.17 -6.11
CA TYR B 168 5.62 13.73 -4.79
C TYR B 168 5.17 14.73 -3.74
N GLY B 169 5.02 14.22 -2.52
CA GLY B 169 4.61 15.00 -1.39
C GLY B 169 5.18 14.42 -0.12
N ARG B 170 4.56 14.81 1.00
CA ARG B 170 4.96 14.41 2.32
C ARG B 170 3.76 14.64 3.22
N PRO B 171 3.71 13.96 4.35
CA PRO B 171 2.54 14.13 5.22
C PRO B 171 2.63 15.51 5.86
N ALA B 172 1.48 16.06 6.24
CA ALA B 172 1.46 17.30 7.01
C ALA B 172 1.94 16.98 8.42
N GLU B 173 2.42 18.01 9.12
CA GLU B 173 2.99 17.82 10.45
C GLU B 173 1.95 17.40 11.49
N GLU B 174 0.72 17.89 11.36
CA GLU B 174 -0.24 17.62 12.43
C GLU B 174 -0.81 16.20 12.34
N THR B 175 -0.95 15.55 13.49
CA THR B 175 -1.59 14.23 13.58
C THR B 175 -2.76 14.24 14.53
N PHE B 176 -3.57 13.17 14.45
CA PHE B 176 -4.82 13.10 15.18
C PHE B 176 -5.11 11.66 15.60
N ALA B 177 -5.39 11.50 16.90
CA ALA B 177 -5.59 10.19 17.51
C ALA B 177 -6.98 10.09 18.12
N PRO B 178 -7.97 9.55 17.39
CA PRO B 178 -9.36 9.56 17.90
C PRO B 178 -9.56 8.83 19.24
C1' HBA C . -3.51 -1.20 11.14
O1' HBA C . -2.61 -0.64 10.53
C1 HBA C . -3.87 -2.60 10.82
C2 HBA C . -4.80 -3.22 11.65
C3 HBA C . -5.12 -4.56 11.43
C4 HBA C . -4.55 -5.26 10.38
C5 HBA C . -3.62 -4.64 9.52
C6 HBA C . -3.28 -3.31 9.75
O4 HBA C . -4.92 -6.56 10.21
N1 FMN D . -7.75 -5.14 9.38
C2 FMN D . -7.23 -6.00 8.48
O2 FMN D . -7.49 -7.22 8.63
N3 FMN D . -6.43 -5.56 7.46
C4 FMN D . -6.17 -4.24 7.26
O4 FMN D . -5.47 -3.82 6.31
C4A FMN D . -6.69 -3.24 8.25
N5 FMN D . -6.44 -1.92 8.16
C5A FMN D . -6.96 -1.02 9.09
C6 FMN D . -6.74 0.35 8.99
C7 FMN D . -7.30 1.23 9.96
C7M FMN D . -7.12 2.70 9.92
C8 FMN D . -8.11 0.70 11.07
C8M FMN D . -8.70 1.66 12.10
C9 FMN D . -8.35 -0.65 11.15
C9A FMN D . -7.78 -1.53 10.22
N10 FMN D . -8.03 -2.92 10.27
C10 FMN D . -7.51 -3.79 9.33
C1' FMN D . -8.84 -3.52 11.31
C2' FMN D . -10.29 -3.58 10.94
O2' FMN D . -10.61 -2.36 10.26
C3' FMN D . -11.04 -3.78 12.25
O3' FMN D . -10.70 -5.02 12.88
C4' FMN D . -12.55 -3.76 12.11
O4' FMN D . -13.09 -3.76 13.44
C5' FMN D . -13.06 -5.05 11.50
O5' FMN D . -14.50 -4.93 11.41
P FMN D . -15.28 -6.31 11.10
O1P FMN D . -16.70 -5.79 11.10
O2P FMN D . -14.85 -6.78 9.72
O3P FMN D . -15.17 -7.37 12.18
C1' HBA E . 3.26 4.57 -10.27
O1' HBA E . 2.64 4.82 -9.25
C1 HBA E . 3.42 3.19 -10.81
C2 HBA E . 2.79 2.05 -10.24
C3 HBA E . 3.02 0.79 -10.80
C4 HBA E . 3.88 0.68 -11.90
C5 HBA E . 4.52 1.79 -12.44
C6 HBA E . 4.28 3.06 -11.89
O4 HBA E . 4.16 -0.51 -12.47
N1 FMN F . 7.21 -0.15 -11.18
C2 FMN F . 6.59 -1.29 -10.79
O2 FMN F . 6.64 -2.32 -11.55
N3 FMN F . 5.84 -1.33 -9.65
C4 FMN F . 5.71 -0.32 -8.80
O4 FMN F . 5.05 -0.45 -7.70
C4A FMN F . 6.41 0.95 -9.15
N5 FMN F . 6.32 2.04 -8.38
C5A FMN F . 6.94 3.19 -8.71
C6 FMN F . 6.83 4.31 -7.90
C7 FMN F . 7.48 5.49 -8.24
C7M FMN F . 7.45 6.68 -7.33
C8 FMN F . 8.24 5.58 -9.51
C8M FMN F . 8.91 6.87 -9.88
C9 FMN F . 8.34 4.48 -10.33
C9A FMN F . 7.68 3.31 -10.00
N10 FMN F . 7.77 2.14 -10.82
C10 FMN F . 7.15 0.97 -10.42
C1' FMN F . 8.49 2.10 -12.10
C2' FMN F . 9.88 1.63 -11.83
O2' FMN F . 10.30 2.25 -10.58
C3' FMN F . 10.69 2.04 -13.07
O3' FMN F . 10.07 1.36 -14.20
C4' FMN F . 12.18 1.74 -12.89
O4' FMN F . 12.94 2.61 -13.74
C5' FMN F . 12.55 0.32 -13.28
O5' FMN F . 13.94 0.09 -13.12
P FMN F . 14.66 -1.27 -13.53
O1P FMN F . 16.14 -1.03 -13.25
O2P FMN F . 14.15 -2.42 -12.67
O3P FMN F . 14.31 -1.58 -14.97
#